data_2UWO
#
_entry.id   2UWO
#
_cell.length_a   56.691
_cell.length_b   72.799
_cell.length_c   77.706
_cell.angle_alpha   90.00
_cell.angle_beta   90.00
_cell.angle_gamma   90.00
#
_symmetry.space_group_name_H-M   'P 21 21 21'
#
loop_
_entity.id
_entity.type
_entity.pdbx_description
1 polymer 'COAGULATION FACTOR X'
2 polymer 'COAGULATION FACTOR X'
3 non-polymer (2R)-2-(5-CHLORO-2-THIENYL)-N-{(3S)-1-[(1S)-1-METHYL-2-MORPHOLIN-4-YL-2-OXOETHYL]-2-OXOPYRROLIDIN-3-YL}PROPENE-1-SULFONAMIDE
4 water water
#
loop_
_entity_poly.entity_id
_entity_poly.type
_entity_poly.pdbx_seq_one_letter_code
_entity_poly.pdbx_strand_id
1 'polypeptide(L)'
;IVGGQECKDGECPWQALLINEENEGFCGGTILSEFYILTAAHCLYQAKRFKVRVGDRNTEQEEGGEAVHEVEVVIKHNRF
TKETYDFDIAVLRLKTPITFRMNVAPACLPERDWAESTLMTQKTGIVSGFGRTHEKGRQSTRLKMLEVPYVDRNSCKLSS
SFIITQNMFCAGYDTKQEDACQGDSGGPHVTRFKDTYFVTGIVSWGEGCARKGKYGIYTKVTAFLKWIDRSMKTRGLPKA
KSHAPEVITSSPLK
;
A
2 'polypeptide(L)'
;EEMKKGHLERECMEETCSYEEAREVFEDSDKTNEFWNKYKDGDQCETSPCQNQGKCKDGLGEYTCTCLEGFEGKNCELFT
RKLCSLDNGDCDQFCHEEQNSVVCSCARGYTLADNGKACIPTGPYPCGKQTLER
;
B
#
# COMPACT_ATOMS: atom_id res chain seq x y z
N ILE A 1 9.54 3.41 10.01
CA ILE A 1 9.84 4.59 9.10
C ILE A 1 10.91 5.48 9.67
N VAL A 2 11.98 5.68 8.90
CA VAL A 2 13.09 6.57 9.28
C VAL A 2 12.80 7.93 8.66
N GLY A 3 12.76 8.98 9.46
CA GLY A 3 12.43 10.28 8.89
C GLY A 3 10.90 10.36 8.75
N GLY A 4 10.43 11.15 7.80
CA GLY A 4 8.97 11.25 7.58
C GLY A 4 8.26 11.99 8.69
N GLN A 5 6.94 11.85 8.74
CA GLN A 5 6.14 12.57 9.71
C GLN A 5 5.12 11.61 10.37
N GLU A 6 4.58 12.01 11.52
CA GLU A 6 3.59 11.23 12.20
C GLU A 6 2.31 11.28 11.35
N CYS A 7 1.59 10.17 11.20
CA CYS A 7 0.25 10.24 10.55
C CYS A 7 -0.71 10.98 11.49
N LYS A 8 -1.31 12.05 10.99
CA LYS A 8 -2.27 12.80 11.78
C LYS A 8 -3.64 12.16 11.64
N ASP A 9 -4.62 12.66 12.41
CA ASP A 9 -5.95 12.04 12.50
C ASP A 9 -6.55 11.94 11.11
N GLY A 10 -6.94 10.71 10.72
CA GLY A 10 -7.52 10.49 9.36
C GLY A 10 -6.60 10.43 8.13
N GLU A 11 -5.28 10.62 8.29
CA GLU A 11 -4.38 10.70 7.15
C GLU A 11 -3.93 9.36 6.53
N CYS A 12 -3.97 8.29 7.32
CA CYS A 12 -3.49 6.98 6.85
C CYS A 12 -4.50 5.93 7.29
N PRO A 13 -5.77 6.08 6.89
CA PRO A 13 -6.79 5.17 7.46
C PRO A 13 -6.78 3.72 7.01
N TRP A 14 -6.05 3.48 5.92
CA TRP A 14 -5.91 2.10 5.33
C TRP A 14 -4.80 1.32 6.01
N GLN A 15 -4.12 1.90 6.98
CA GLN A 15 -3.02 1.17 7.60
C GLN A 15 -3.59 0.04 8.48
N ALA A 16 -2.97 -1.11 8.42
CA ALA A 16 -3.28 -2.21 9.33
C ALA A 16 -1.95 -2.61 10.00
N LEU A 17 -2.07 -3.22 11.19
CA LEU A 17 -0.86 -3.64 11.93
C LEU A 17 -1.05 -5.09 12.32
N LEU A 18 -0.08 -5.94 11.99
CA LEU A 18 -0.21 -7.37 12.34
C LEU A 18 0.46 -7.46 13.69
N ILE A 19 -0.22 -8.09 14.63
CA ILE A 19 0.26 -8.13 16.01
C ILE A 19 0.39 -9.57 16.47
N ASN A 20 1.45 -9.87 17.21
CA ASN A 20 1.63 -11.27 17.68
C ASN A 20 0.76 -11.60 18.92
N GLU A 21 1.01 -12.78 19.49
CA GLU A 21 0.33 -13.25 20.71
C GLU A 21 0.52 -12.27 21.87
N GLU A 22 1.68 -11.63 21.91
CA GLU A 22 2.03 -10.63 22.91
C GLU A 22 1.45 -9.25 22.59
N ASN A 23 0.64 -9.16 21.53
CA ASN A 23 0.03 -7.90 21.11
C ASN A 23 1.06 -6.85 20.71
N GLU A 24 2.15 -7.34 20.14
CA GLU A 24 3.24 -6.50 19.64
C GLU A 24 3.17 -6.52 18.11
N GLY A 25 3.26 -5.33 17.51
CA GLY A 25 3.27 -5.20 16.06
C GLY A 25 4.59 -5.66 15.45
N PHE A 26 4.51 -6.43 14.35
CA PHE A 26 5.76 -6.89 13.68
C PHE A 26 5.77 -6.68 12.16
N CYS A 27 4.59 -6.32 11.61
CA CYS A 27 4.46 -5.99 10.19
C CYS A 27 3.21 -5.13 9.97
N GLY A 28 3.16 -4.49 8.81
CA GLY A 28 1.96 -3.74 8.47
C GLY A 28 1.16 -4.47 7.41
N GLY A 29 0.05 -3.86 7.03
CA GLY A 29 -0.84 -4.38 6.02
C GLY A 29 -1.61 -3.19 5.49
N THR A 30 -2.39 -3.40 4.43
CA THR A 30 -3.25 -2.36 3.85
C THR A 30 -4.69 -2.90 3.81
N ILE A 31 -5.64 -2.10 4.32
CA ILE A 31 -7.06 -2.46 4.27
C ILE A 31 -7.53 -2.34 2.83
N LEU A 32 -8.07 -3.43 2.25
CA LEU A 32 -8.61 -3.40 0.90
C LEU A 32 -10.13 -3.34 0.87
N SER A 33 -10.76 -3.90 1.90
CA SER A 33 -12.21 -3.93 1.99
C SER A 33 -12.56 -4.39 3.40
N GLU A 34 -13.85 -4.51 3.70
CA GLU A 34 -14.23 -4.86 5.05
C GLU A 34 -13.67 -6.22 5.52
N PHE A 35 -13.47 -7.13 4.59
CA PHE A 35 -12.94 -8.46 4.90
C PHE A 35 -11.50 -8.76 4.55
N TYR A 36 -10.85 -7.90 3.77
CA TYR A 36 -9.51 -8.19 3.26
C TYR A 36 -8.37 -7.22 3.58
N ILE A 37 -7.22 -7.79 3.91
CA ILE A 37 -6.00 -7.05 4.19
C ILE A 37 -4.92 -7.53 3.23
N LEU A 38 -4.14 -6.58 2.69
CA LEU A 38 -3.00 -6.88 1.83
C LEU A 38 -1.73 -6.78 2.65
N THR A 39 -0.84 -7.78 2.53
CA THR A 39 0.42 -7.74 3.24
C THR A 39 1.54 -8.47 2.47
N ALA A 40 2.71 -8.61 3.11
CA ALA A 40 3.85 -9.27 2.47
C ALA A 40 3.86 -10.74 2.88
N ALA A 41 4.10 -11.64 1.93
CA ALA A 41 4.23 -13.07 2.27
C ALA A 41 5.34 -13.34 3.29
N HIS A 42 6.44 -12.61 3.23
CA HIS A 42 7.54 -12.82 4.20
C HIS A 42 7.15 -12.50 5.65
N CYS A 43 6.14 -11.67 5.85
CA CYS A 43 5.64 -11.37 7.20
C CYS A 43 5.00 -12.59 7.89
N LEU A 44 4.54 -13.53 7.07
CA LEU A 44 3.80 -14.69 7.56
C LEU A 44 4.68 -15.73 8.25
N TYR A 45 5.98 -15.45 8.32
CA TYR A 45 6.94 -16.35 8.96
C TYR A 45 7.45 -15.73 10.25
N GLN A 46 7.12 -14.46 10.46
CA GLN A 46 7.57 -13.71 11.63
C GLN A 46 6.68 -13.84 12.88
N ALA A 47 5.68 -14.71 12.78
CA ALA A 47 4.77 -15.00 13.89
C ALA A 47 4.01 -16.26 13.52
N LYS A 48 3.76 -17.10 14.52
CA LYS A 48 3.05 -18.36 14.30
C LYS A 48 1.54 -18.12 14.30
N ARG A 49 1.09 -17.25 15.19
CA ARG A 49 -0.32 -16.87 15.29
C ARG A 49 -0.32 -15.35 15.36
N PHE A 50 -1.19 -14.71 14.59
CA PHE A 50 -1.29 -13.24 14.62
C PHE A 50 -2.71 -12.77 14.36
N LYS A 51 -2.96 -11.53 14.76
CA LYS A 51 -4.23 -10.85 14.54
C LYS A 51 -3.94 -9.56 13.83
N VAL A 52 -5.01 -8.88 13.40
CA VAL A 52 -4.82 -7.60 12.69
C VAL A 52 -5.48 -6.49 13.47
N ARG A 53 -4.74 -5.41 13.74
CA ARG A 53 -5.29 -4.25 14.41
C ARG A 53 -5.50 -3.11 13.37
N VAL A 54 -6.64 -2.43 13.45
CA VAL A 54 -6.90 -1.28 12.56
C VAL A 54 -7.35 -0.09 13.39
N GLY A 55 -7.16 1.12 12.85
CA GLY A 55 -7.60 2.33 13.51
C GLY A 55 -6.69 2.88 14.57
N ASP A 56 -5.57 2.20 14.82
CA ASP A 56 -4.64 2.61 15.86
C ASP A 56 -3.54 3.46 15.23
N ARG A 57 -3.24 4.59 15.86
CA ARG A 57 -2.17 5.46 15.39
C ARG A 57 -1.13 5.53 16.49
N ASN A 58 -1.56 5.17 17.68
CA ASN A 58 -0.72 5.22 18.87
C ASN A 58 -0.90 3.90 19.61
N THR A 59 0.12 3.05 19.58
CA THR A 59 0.07 1.73 20.22
C THR A 59 -0.03 1.77 21.75
N GLU A 60 0.15 2.94 22.34
CA GLU A 60 0.06 3.07 23.79
C GLU A 60 -1.32 3.53 24.27
N GLN A 61 -2.27 3.64 23.35
CA GLN A 61 -3.62 4.09 23.70
C GLN A 61 -4.77 3.41 22.94
N GLU A 62 -5.81 3.04 23.69
CA GLU A 62 -7.04 2.45 23.14
C GLU A 62 -8.11 3.51 22.93
N GLY A 65 -11.22 3.92 18.53
CA GLY A 65 -11.41 3.64 17.11
C GLY A 65 -10.79 2.34 16.63
N GLU A 66 -9.79 1.88 17.40
CA GLU A 66 -9.06 0.64 17.17
C GLU A 66 -9.99 -0.56 17.25
N ALA A 67 -9.65 -1.62 16.53
CA ALA A 67 -10.41 -2.86 16.53
C ALA A 67 -9.41 -3.96 16.18
N VAL A 68 -9.50 -5.05 16.92
CA VAL A 68 -8.61 -6.20 16.68
C VAL A 68 -9.42 -7.25 15.97
N HIS A 69 -8.88 -7.75 14.86
CA HIS A 69 -9.53 -8.74 14.03
C HIS A 69 -8.71 -10.01 13.86
N GLU A 70 -9.34 -11.15 14.06
CA GLU A 70 -8.66 -12.41 13.88
C GLU A 70 -8.72 -12.76 12.43
N VAL A 71 -7.74 -13.54 11.96
CA VAL A 71 -7.66 -13.93 10.57
C VAL A 71 -8.33 -15.27 10.34
N GLU A 72 -9.20 -15.34 9.35
CA GLU A 72 -9.84 -16.59 9.00
C GLU A 72 -9.00 -17.37 7.99
N VAL A 73 -8.63 -16.72 6.88
CA VAL A 73 -7.88 -17.39 5.82
C VAL A 73 -6.64 -16.58 5.46
N VAL A 74 -5.50 -17.27 5.31
CA VAL A 74 -4.25 -16.64 4.90
C VAL A 74 -4.00 -17.12 3.47
N ILE A 75 -3.87 -16.19 2.53
CA ILE A 75 -3.68 -16.57 1.13
C ILE A 75 -2.31 -16.06 0.72
N LYS A 76 -1.33 -16.96 0.69
CA LYS A 76 0.04 -16.63 0.37
C LYS A 76 0.29 -16.95 -1.07
N HIS A 77 1.06 -16.10 -1.77
CA HIS A 77 1.36 -16.38 -3.15
C HIS A 77 2.24 -17.63 -3.19
N ASN A 78 1.82 -18.65 -3.93
CA ASN A 78 2.58 -19.91 -3.98
C ASN A 78 4.00 -19.83 -4.56
N ARG A 79 4.32 -18.72 -5.24
CA ARG A 79 5.64 -18.51 -5.82
C ARG A 79 6.57 -17.64 -4.97
N PHE A 80 6.12 -17.27 -3.76
CA PHE A 80 6.99 -16.50 -2.89
C PHE A 80 8.26 -17.29 -2.61
N THR A 81 9.42 -16.63 -2.69
CA THR A 81 10.71 -17.30 -2.43
C THR A 81 11.50 -16.56 -1.38
N LYS A 82 11.85 -17.24 -0.30
CA LYS A 82 12.64 -16.62 0.77
C LYS A 82 13.99 -16.13 0.29
N GLU A 83 14.47 -16.65 -0.84
CA GLU A 83 15.81 -16.33 -1.32
C GLU A 83 15.99 -15.00 -2.03
N THR A 84 14.95 -14.54 -2.73
CA THR A 84 15.00 -13.27 -3.44
C THR A 84 13.87 -12.32 -3.00
N TYR A 85 12.92 -12.81 -2.19
CA TYR A 85 11.68 -12.07 -1.82
C TYR A 85 10.80 -11.75 -3.05
N ASP A 86 10.97 -12.52 -4.13
CA ASP A 86 10.15 -12.38 -5.30
C ASP A 86 8.78 -12.88 -4.90
N PHE A 87 7.75 -12.31 -5.50
CA PHE A 87 6.35 -12.62 -5.19
C PHE A 87 6.02 -12.40 -3.71
N ASP A 88 6.54 -11.31 -3.14
CA ASP A 88 6.33 -11.06 -1.72
C ASP A 88 4.92 -10.45 -1.48
N ILE A 89 3.90 -11.31 -1.45
CA ILE A 89 2.49 -10.85 -1.32
C ILE A 89 1.57 -11.90 -0.70
N ALA A 90 0.65 -11.43 0.15
CA ALA A 90 -0.32 -12.32 0.79
C ALA A 90 -1.58 -11.53 1.02
N VAL A 91 -2.72 -12.21 0.99
CA VAL A 91 -4.01 -11.56 1.27
C VAL A 91 -4.62 -12.26 2.49
N LEU A 92 -5.16 -11.48 3.45
CA LEU A 92 -5.75 -12.07 4.64
C LEU A 92 -7.25 -11.85 4.59
N ARG A 93 -8.05 -12.91 4.80
CA ARG A 93 -9.51 -12.76 4.89
C ARG A 93 -9.78 -12.76 6.37
N LEU A 94 -10.48 -11.73 6.87
CA LEU A 94 -10.72 -11.64 8.29
C LEU A 94 -11.96 -12.44 8.71
N LYS A 95 -12.04 -12.83 9.99
CA LYS A 95 -13.22 -13.52 10.55
C LYS A 95 -14.44 -12.60 10.67
N THR A 96 -14.21 -11.35 11.01
CA THR A 96 -15.27 -10.36 11.21
C THR A 96 -14.97 -9.13 10.32
N PRO A 97 -16.00 -8.51 9.71
CA PRO A 97 -15.70 -7.34 8.87
C PRO A 97 -15.27 -6.10 9.65
N ILE A 98 -14.43 -5.29 9.01
CA ILE A 98 -13.95 -4.06 9.61
C ILE A 98 -15.05 -3.03 9.51
N THR A 99 -15.20 -2.26 10.57
CA THR A 99 -16.14 -1.16 10.56
C THR A 99 -15.36 0.10 10.20
N PHE A 100 -15.69 0.72 9.08
CA PHE A 100 -15.01 1.93 8.65
C PHE A 100 -15.46 3.10 9.48
N ARG A 101 -14.54 4.02 9.73
CA ARG A 101 -14.81 5.15 10.63
C ARG A 101 -13.58 6.04 10.52
N MET A 102 -13.50 7.08 11.35
CA MET A 102 -12.30 7.91 11.30
C MET A 102 -11.13 6.99 11.61
N ASN A 103 -10.10 7.12 10.78
CA ASN A 103 -8.88 6.33 10.84
C ASN A 103 -8.98 4.92 10.39
N VAL A 104 -10.13 4.55 9.85
CA VAL A 104 -10.29 3.16 9.34
C VAL A 104 -11.07 3.18 8.03
N ALA A 105 -10.38 2.99 6.92
CA ALA A 105 -11.01 3.03 5.59
C ALA A 105 -10.11 2.34 4.59
N PRO A 106 -10.68 1.76 3.53
CA PRO A 106 -9.83 1.01 2.63
C PRO A 106 -9.07 1.92 1.62
N ALA A 107 -7.94 1.45 1.09
CA ALA A 107 -7.25 2.15 -0.02
C ALA A 107 -7.85 1.59 -1.31
N CYS A 108 -7.85 2.35 -2.38
CA CYS A 108 -8.46 1.86 -3.61
C CYS A 108 -7.48 0.96 -4.36
N LEU A 109 -8.02 -0.07 -5.01
CA LEU A 109 -7.20 -0.85 -5.93
C LEU A 109 -7.40 -0.27 -7.34
N PRO A 110 -6.30 0.04 -8.04
CA PRO A 110 -6.45 0.67 -9.35
C PRO A 110 -6.60 -0.39 -10.47
N GLU A 111 -6.96 0.03 -11.67
CA GLU A 111 -6.93 -0.89 -12.81
C GLU A 111 -5.49 -0.94 -13.26
N ARG A 112 -5.06 -2.10 -13.74
CA ARG A 112 -3.66 -2.28 -14.08
C ARG A 112 -3.02 -1.32 -15.04
N ASP A 113 -3.55 -1.23 -16.27
CA ASP A 113 -2.93 -0.38 -17.26
C ASP A 113 -2.82 1.07 -16.83
N TRP A 114 -3.89 1.55 -16.21
CA TRP A 114 -3.99 2.95 -15.82
C TRP A 114 -3.02 3.24 -14.69
N ALA A 115 -2.88 2.28 -13.76
CA ALA A 115 -1.91 2.42 -12.68
C ALA A 115 -0.50 2.50 -13.23
N GLU A 116 -0.17 1.65 -14.22
CA GLU A 116 1.12 1.64 -14.81
C GLU A 116 1.41 2.97 -15.53
N SER A 117 0.42 3.45 -16.28
CA SER A 117 0.60 4.69 -17.05
C SER A 117 0.47 5.99 -16.25
N THR A 118 -0.37 5.98 -15.22
CA THR A 118 -0.71 7.20 -14.48
C THR A 118 -0.22 7.26 -13.06
N LEU A 119 -0.22 6.12 -12.36
CA LEU A 119 0.20 6.21 -10.98
C LEU A 119 1.69 6.03 -10.83
N MET A 120 2.22 4.96 -11.47
CA MET A 120 3.63 4.65 -11.33
C MET A 120 4.51 5.69 -11.98
N THR A 121 3.90 6.59 -12.76
CA THR A 121 4.62 7.67 -13.43
C THR A 121 4.60 8.97 -12.64
N GLN A 122 3.94 8.96 -11.48
CA GLN A 122 3.92 10.16 -10.64
C GLN A 122 5.32 10.32 -10.04
N LYS A 123 5.62 11.48 -9.48
CA LYS A 123 6.94 11.70 -8.90
C LYS A 123 7.14 10.89 -7.63
N THR A 124 6.09 10.80 -6.82
CA THR A 124 6.19 10.15 -5.51
C THR A 124 4.95 9.33 -5.11
N GLY A 125 5.15 8.50 -4.10
CA GLY A 125 4.13 7.71 -3.44
C GLY A 125 4.33 7.97 -1.93
N ILE A 126 3.54 7.29 -1.12
CA ILE A 126 3.62 7.48 0.35
C ILE A 126 3.69 6.10 0.96
N VAL A 127 4.66 5.90 1.85
CA VAL A 127 4.82 4.65 2.57
C VAL A 127 4.49 4.92 4.04
N SER A 128 3.91 3.95 4.76
CA SER A 128 3.59 4.23 6.16
C SER A 128 3.78 3.01 7.00
N GLY A 129 3.97 3.24 8.31
CA GLY A 129 4.05 2.11 9.23
C GLY A 129 4.50 2.44 10.66
N PHE A 130 4.53 1.42 11.47
CA PHE A 130 4.94 1.48 12.87
C PHE A 130 6.33 0.84 13.02
N GLY A 131 7.10 0.76 11.94
CA GLY A 131 8.44 0.14 12.03
C GLY A 131 9.46 1.03 12.73
N ARG A 132 10.70 0.54 12.79
CA ARG A 132 11.79 1.29 13.42
C ARG A 132 11.98 2.64 12.83
N THR A 133 12.41 3.58 13.67
CA THR A 133 12.65 4.96 13.23
C THR A 133 14.15 5.24 12.98
N HIS A 134 14.97 4.22 13.23
CA HIS A 134 16.42 4.21 12.94
C HIS A 134 16.77 2.77 12.61
N GLU A 135 17.82 2.53 11.81
CA GLU A 135 18.15 1.15 11.45
C GLU A 135 18.20 0.23 12.66
N LYS A 136 18.82 0.71 13.75
CA LYS A 136 18.81 -0.02 15.02
C LYS A 136 17.87 0.72 15.98
N GLY A 137 16.81 0.04 16.39
CA GLY A 137 15.88 0.69 17.28
C GLY A 137 14.65 -0.13 17.57
N ARG A 138 13.82 0.47 18.39
CA ARG A 138 12.58 -0.08 18.85
C ARG A 138 11.52 0.25 17.78
N GLN A 139 10.48 -0.58 17.69
CA GLN A 139 9.32 -0.32 16.83
C GLN A 139 8.70 1.01 17.25
N SER A 140 8.07 1.71 16.34
CA SER A 140 7.51 3.01 16.69
C SER A 140 6.21 2.81 17.43
N THR A 141 5.91 3.67 18.42
CA THR A 141 4.61 3.53 19.07
C THR A 141 3.58 4.38 18.31
N ARG A 142 4.08 5.20 17.38
CA ARG A 142 3.22 6.09 16.61
C ARG A 142 3.32 5.71 15.15
N LEU A 143 2.18 5.76 14.49
CA LEU A 143 2.14 5.54 13.04
C LEU A 143 2.81 6.68 12.31
N LYS A 144 3.73 6.35 11.40
CA LYS A 144 4.43 7.35 10.61
C LYS A 144 4.21 7.18 9.12
N MET A 145 4.41 8.26 8.37
CA MET A 145 4.34 8.19 6.91
C MET A 145 5.51 8.97 6.28
N LEU A 146 5.78 8.71 5.01
CA LEU A 146 6.89 9.34 4.37
C LEU A 146 6.63 9.38 2.88
N GLU A 147 6.87 10.54 2.28
CA GLU A 147 6.76 10.66 0.82
C GLU A 147 8.04 10.10 0.24
N VAL A 148 7.92 9.18 -0.71
CA VAL A 148 9.06 8.53 -1.36
C VAL A 148 8.98 8.61 -2.88
N PRO A 149 10.01 9.25 -3.49
CA PRO A 149 10.11 9.35 -4.95
C PRO A 149 10.22 7.97 -5.59
N TYR A 150 9.55 7.81 -6.71
CA TYR A 150 9.72 6.61 -7.50
C TYR A 150 11.14 6.70 -8.05
N VAL A 151 11.81 5.57 -8.10
CA VAL A 151 13.20 5.52 -8.57
C VAL A 151 13.25 4.85 -9.95
N ASP A 152 14.07 5.41 -10.82
CA ASP A 152 14.29 4.89 -12.17
C ASP A 152 14.63 3.43 -12.05
N ARG A 153 14.00 2.60 -12.88
CA ARG A 153 14.24 1.18 -12.82
C ARG A 153 15.71 0.78 -13.05
N ASN A 154 16.36 1.41 -14.03
CA ASN A 154 17.79 1.13 -14.28
C ASN A 154 18.67 1.56 -13.09
N SER A 155 18.43 2.77 -12.57
CA SER A 155 19.19 3.27 -11.44
C SER A 155 19.11 2.32 -10.25
N CYS A 156 17.93 1.78 -9.96
CA CYS A 156 17.89 0.90 -8.79
C CYS A 156 18.52 -0.47 -9.00
N LYS A 157 18.47 -0.99 -10.23
CA LYS A 157 19.17 -2.26 -10.49
C LYS A 157 20.68 -2.04 -10.28
N LEU A 158 21.19 -0.92 -10.77
CA LEU A 158 22.61 -0.60 -10.62
C LEU A 158 23.02 -0.48 -9.14
N SER A 159 22.14 0.06 -8.31
CA SER A 159 22.41 0.26 -6.89
C SER A 159 22.32 -1.00 -6.07
N SER A 160 21.65 -2.01 -6.62
CA SER A 160 21.32 -3.19 -5.84
C SER A 160 22.28 -4.36 -5.86
N SER A 161 22.57 -4.88 -4.66
CA SER A 161 23.41 -6.04 -4.49
C SER A 161 22.60 -7.29 -4.74
N PHE A 162 21.28 -7.17 -4.65
CA PHE A 162 20.36 -8.30 -4.85
C PHE A 162 19.50 -8.04 -6.07
N ILE A 163 19.01 -9.11 -6.70
CA ILE A 163 18.19 -9.01 -7.90
C ILE A 163 16.86 -8.27 -7.67
N ILE A 164 16.56 -7.34 -8.59
CA ILE A 164 15.30 -6.58 -8.63
C ILE A 164 14.46 -7.15 -9.78
N THR A 165 13.45 -7.94 -9.45
CA THR A 165 12.60 -8.55 -10.45
C THR A 165 11.49 -7.60 -10.97
N GLN A 166 10.73 -8.06 -11.99
CA GLN A 166 9.62 -7.28 -12.51
C GLN A 166 8.45 -7.20 -11.53
N ASN A 167 8.53 -7.97 -10.44
CA ASN A 167 7.49 -7.95 -9.42
C ASN A 167 7.84 -6.96 -8.32
N MET A 168 8.92 -6.20 -8.53
CA MET A 168 9.39 -5.23 -7.54
C MET A 168 9.60 -3.89 -8.18
N PHE A 169 9.59 -2.85 -7.36
CA PHE A 169 9.98 -1.52 -7.81
C PHE A 169 10.72 -0.84 -6.64
N CYS A 170 11.42 0.24 -6.94
CA CYS A 170 12.22 0.97 -5.96
C CYS A 170 11.69 2.35 -5.72
N ALA A 171 11.82 2.82 -4.48
CA ALA A 171 11.35 4.13 -4.13
C ALA A 171 12.19 4.66 -2.99
N GLY A 172 12.37 5.96 -2.95
CA GLY A 172 13.10 6.53 -1.82
C GLY A 172 14.11 7.52 -2.29
N TYR A 173 15.16 7.60 -1.49
CA TYR A 173 16.20 8.61 -1.72
C TYR A 173 17.58 7.97 -1.79
N ASP A 174 18.46 8.54 -2.61
CA ASP A 174 19.82 8.03 -2.75
C ASP A 174 20.62 8.23 -1.44
N THR A 175 20.65 9.45 -0.95
CA THR A 175 21.44 9.77 0.26
C THR A 175 20.63 10.31 1.43
N LYS A 176 19.61 11.14 1.14
CA LYS A 176 18.73 11.70 2.19
C LYS A 176 18.31 10.55 3.11
N GLN A 177 18.35 10.80 4.41
CA GLN A 177 18.13 9.75 5.41
C GLN A 177 16.66 9.47 5.81
N GLU A 178 15.90 8.96 4.84
CA GLU A 178 14.49 8.63 5.04
C GLU A 178 14.20 7.37 4.27
N ASP A 179 13.50 6.42 4.92
CA ASP A 179 13.17 5.14 4.30
C ASP A 179 12.20 4.39 5.18
N ALA A 180 11.60 3.31 4.66
CA ALA A 180 10.85 2.36 5.47
C ALA A 180 11.96 1.59 6.19
N CYS A 181 11.59 0.75 7.12
CA CYS A 181 12.56 0.00 7.91
C CYS A 181 11.90 -1.19 8.52
N GLN A 182 12.66 -1.99 9.30
CA GLN A 182 12.13 -3.20 9.94
C GLN A 182 10.82 -2.98 10.68
N GLY A 183 9.82 -3.82 10.40
CA GLY A 183 8.51 -3.73 11.04
C GLY A 183 7.52 -3.00 10.12
N ASP A 184 8.03 -2.26 9.14
CA ASP A 184 7.16 -1.60 8.12
C ASP A 184 6.75 -2.58 6.99
N SER A 185 7.47 -3.69 6.85
CA SER A 185 7.16 -4.67 5.82
C SER A 185 5.69 -5.05 5.80
N GLY A 186 5.14 -5.25 4.61
CA GLY A 186 3.74 -5.64 4.47
C GLY A 186 2.84 -4.43 4.41
N GLY A 187 3.36 -3.26 4.82
CA GLY A 187 2.52 -2.07 4.90
C GLY A 187 2.27 -1.44 3.54
N PRO A 188 1.48 -0.38 3.53
CA PRO A 188 1.13 0.24 2.29
C PRO A 188 2.13 1.16 1.66
N HIS A 189 2.16 1.09 0.34
CA HIS A 189 2.79 2.14 -0.48
C HIS A 189 1.56 2.59 -1.31
N VAL A 190 1.14 3.86 -1.20
CA VAL A 190 -0.02 4.36 -1.95
C VAL A 190 0.42 5.56 -2.80
N THR A 191 -0.36 5.86 -3.83
CA THR A 191 -0.02 6.96 -4.71
C THR A 191 -1.30 7.77 -4.84
N ARG A 192 -1.18 9.09 -4.65
CA ARG A 192 -2.35 9.96 -4.67
C ARG A 192 -2.57 10.39 -6.10
N PHE A 193 -3.84 10.38 -6.53
CA PHE A 193 -4.20 10.95 -7.82
C PHE A 193 -5.53 11.69 -7.61
N LYS A 194 -5.55 13.02 -7.83
CA LYS A 194 -6.77 13.81 -7.57
C LYS A 194 -7.42 13.54 -6.20
N ASP A 195 -6.61 13.63 -5.16
CA ASP A 195 -7.05 13.40 -3.76
C ASP A 195 -7.67 12.04 -3.44
N THR A 196 -7.35 11.01 -4.25
CA THR A 196 -7.79 9.64 -4.01
C THR A 196 -6.49 8.84 -3.95
N TYR A 197 -6.38 7.99 -2.93
CA TYR A 197 -5.15 7.24 -2.73
C TYR A 197 -5.31 5.79 -3.21
N PHE A 198 -4.40 5.38 -4.07
CA PHE A 198 -4.44 4.03 -4.64
C PHE A 198 -3.31 3.18 -4.16
N VAL A 199 -3.61 1.91 -3.84
CA VAL A 199 -2.52 0.99 -3.41
C VAL A 199 -1.61 0.69 -4.59
N THR A 200 -0.31 0.99 -4.45
CA THR A 200 0.68 0.78 -5.52
C THR A 200 1.80 -0.17 -5.14
N GLY A 201 2.07 -0.33 -3.85
CA GLY A 201 3.09 -1.23 -3.45
C GLY A 201 2.89 -1.84 -2.09
N ILE A 202 3.70 -2.85 -1.80
CA ILE A 202 3.75 -3.47 -0.47
C ILE A 202 5.19 -3.31 0.01
N VAL A 203 5.42 -2.74 1.21
CA VAL A 203 6.79 -2.61 1.74
C VAL A 203 7.38 -4.02 1.78
N SER A 204 8.54 -4.19 1.13
CA SER A 204 9.09 -5.54 1.02
C SER A 204 10.48 -5.71 1.66
N TRP A 205 11.49 -5.05 1.13
CA TRP A 205 12.85 -5.20 1.70
C TRP A 205 13.79 -4.06 1.35
N GLY A 206 14.98 -4.05 1.97
CA GLY A 206 15.97 -3.01 1.68
C GLY A 206 17.28 -3.51 2.27
N GLU A 207 18.38 -2.98 1.77
CA GLU A 207 19.70 -3.33 2.32
C GLU A 207 19.92 -2.35 3.48
N GLY A 208 19.44 -2.73 4.66
CA GLY A 208 19.47 -1.79 5.80
C GLY A 208 18.35 -0.77 5.64
N CYS A 209 18.43 0.33 6.40
CA CYS A 209 17.41 1.35 6.30
C CYS A 209 18.03 2.71 6.06
N ALA A 210 17.59 3.39 5.00
CA ALA A 210 18.05 4.75 4.70
C ALA A 210 19.57 4.85 4.41
N ARG A 211 20.17 3.77 3.92
CA ARG A 211 21.61 3.76 3.60
C ARG A 211 21.92 4.53 2.33
N LYS A 212 23.06 5.23 2.31
CA LYS A 212 23.47 5.98 1.13
C LYS A 212 23.59 5.03 -0.07
N GLY A 213 23.03 5.45 -1.21
CA GLY A 213 23.05 4.64 -2.42
C GLY A 213 22.20 3.37 -2.46
N LYS A 214 21.24 3.27 -1.55
CA LYS A 214 20.33 2.14 -1.54
C LYS A 214 18.92 2.71 -1.45
N TYR A 215 17.96 1.96 -1.97
CA TYR A 215 16.57 2.40 -2.01
C TYR A 215 15.70 1.35 -1.32
N GLY A 216 14.44 1.72 -1.06
CA GLY A 216 13.51 0.75 -0.55
C GLY A 216 12.95 -0.06 -1.72
N ILE A 217 12.69 -1.33 -1.47
CA ILE A 217 12.18 -2.23 -2.49
C ILE A 217 10.77 -2.65 -2.10
N TYR A 218 9.87 -2.50 -3.06
CA TYR A 218 8.45 -2.77 -2.80
C TYR A 218 7.89 -3.75 -3.77
N THR A 219 6.93 -4.59 -3.32
CA THR A 219 6.18 -5.43 -4.26
C THR A 219 5.32 -4.53 -5.15
N LYS A 220 5.38 -4.80 -6.45
CA LYS A 220 4.68 -4.04 -7.45
C LYS A 220 3.27 -4.57 -7.51
N VAL A 221 2.35 -3.85 -6.89
CA VAL A 221 0.97 -4.31 -6.83
C VAL A 221 0.35 -4.51 -8.22
N THR A 222 0.71 -3.68 -9.21
CA THR A 222 0.10 -3.79 -10.56
C THR A 222 0.32 -5.19 -11.12
N ALA A 223 1.40 -5.83 -10.67
CA ALA A 223 1.74 -7.20 -11.14
C ALA A 223 0.80 -8.28 -10.61
N PHE A 224 0.04 -7.95 -9.56
CA PHE A 224 -0.82 -8.90 -8.87
C PHE A 224 -2.29 -8.51 -8.75
N LEU A 225 -2.74 -7.55 -9.56
CA LEU A 225 -4.15 -7.10 -9.42
C LEU A 225 -5.15 -8.20 -9.67
N LYS A 226 -4.92 -8.99 -10.72
CA LYS A 226 -5.81 -10.12 -11.00
C LYS A 226 -5.74 -11.16 -9.88
N TRP A 227 -4.53 -11.43 -9.39
CA TRP A 227 -4.30 -12.38 -8.30
C TRP A 227 -5.04 -11.93 -7.04
N ILE A 228 -4.91 -10.63 -6.71
CA ILE A 228 -5.64 -10.05 -5.57
C ILE A 228 -7.14 -10.17 -5.75
N ASP A 229 -7.63 -9.77 -6.93
CA ASP A 229 -9.07 -9.83 -7.25
C ASP A 229 -9.58 -11.25 -7.07
N ARG A 230 -8.83 -12.21 -7.61
CA ARG A 230 -9.14 -13.63 -7.49
C ARG A 230 -9.10 -14.13 -6.05
N SER A 231 -8.14 -13.63 -5.26
CA SER A 231 -8.06 -14.01 -3.83
C SER A 231 -9.25 -13.50 -3.02
N MET A 232 -9.86 -12.40 -3.46
CA MET A 232 -10.99 -11.79 -2.74
C MET A 232 -12.34 -12.40 -3.12
N LYS A 233 -12.36 -13.13 -4.23
CA LYS A 233 -13.60 -13.77 -4.71
C LYS A 233 -13.80 -15.15 -4.13
N THR A 234 -12.72 -15.75 -3.61
CA THR A 234 -12.76 -17.09 -3.03
C THR A 234 -11.80 -17.22 -1.84
N ARG B 81 0.45 15.32 -26.40
CA ARG B 81 -0.56 14.72 -25.47
C ARG B 81 -1.99 14.91 -25.98
N LYS B 82 -2.69 13.78 -26.12
CA LYS B 82 -4.08 13.74 -26.57
C LYS B 82 -4.83 12.67 -25.76
N LEU B 83 -6.16 12.72 -25.79
CA LEU B 83 -7.02 11.75 -25.09
C LEU B 83 -6.60 11.51 -23.62
N CYS B 84 -6.38 10.25 -23.23
CA CYS B 84 -6.00 9.97 -21.84
C CYS B 84 -4.67 10.59 -21.40
N SER B 85 -3.78 10.94 -22.34
CA SER B 85 -2.52 11.51 -21.91
C SER B 85 -2.60 13.02 -21.76
N LEU B 86 -3.79 13.56 -22.00
CA LEU B 86 -4.05 14.96 -21.78
C LEU B 86 -4.86 15.05 -20.49
N ASP B 87 -4.16 15.41 -19.40
CA ASP B 87 -4.75 15.53 -18.07
C ASP B 87 -5.73 14.39 -17.75
N ASN B 88 -5.30 13.14 -17.98
CA ASN B 88 -6.14 11.96 -17.67
C ASN B 88 -7.51 11.95 -18.34
N GLY B 89 -7.63 12.63 -19.49
CA GLY B 89 -8.90 12.68 -20.26
C GLY B 89 -10.01 13.43 -19.52
N ASP B 90 -9.59 14.21 -18.54
CA ASP B 90 -10.50 14.92 -17.60
C ASP B 90 -11.27 13.96 -16.66
N CYS B 91 -10.78 12.72 -16.53
CA CYS B 91 -11.44 11.70 -15.73
C CYS B 91 -10.99 11.87 -14.29
N ASP B 92 -11.88 11.60 -13.34
CA ASP B 92 -11.52 11.64 -11.90
C ASP B 92 -10.57 10.49 -11.58
N GLN B 93 -10.87 9.32 -12.16
CA GLN B 93 -10.07 8.13 -11.84
C GLN B 93 -9.58 7.44 -13.12
N PHE B 94 -10.10 6.26 -13.42
CA PHE B 94 -9.57 5.53 -14.57
C PHE B 94 -9.95 6.16 -15.92
N CYS B 95 -9.02 6.10 -16.86
CA CYS B 95 -9.21 6.61 -18.20
C CYS B 95 -8.75 5.51 -19.16
N HIS B 96 -9.58 5.24 -20.16
CA HIS B 96 -9.23 4.30 -21.21
C HIS B 96 -9.59 4.95 -22.51
N GLU B 97 -8.92 4.55 -23.59
CA GLU B 97 -9.25 5.07 -24.91
C GLU B 97 -9.95 3.93 -25.67
N GLU B 98 -11.21 4.14 -26.02
CA GLU B 98 -11.99 3.16 -26.79
C GLU B 98 -12.32 3.85 -28.08
N GLN B 99 -11.90 3.24 -29.18
CA GLN B 99 -12.04 3.85 -30.49
C GLN B 99 -11.22 5.11 -30.33
N ASN B 100 -11.53 6.20 -30.99
CA ASN B 100 -10.64 7.34 -30.81
C ASN B 100 -11.17 8.38 -29.78
N SER B 101 -11.65 7.90 -28.63
CA SER B 101 -12.16 8.79 -27.57
C SER B 101 -11.99 8.23 -26.14
N VAL B 102 -12.08 9.14 -25.18
CA VAL B 102 -11.91 8.86 -23.75
C VAL B 102 -13.14 8.18 -23.14
N VAL B 103 -12.90 7.14 -22.34
CA VAL B 103 -13.97 6.51 -21.58
C VAL B 103 -13.40 6.54 -20.14
N CYS B 104 -14.15 7.14 -19.22
CA CYS B 104 -13.72 7.20 -17.81
C CYS B 104 -14.44 6.11 -17.04
N SER B 105 -13.88 5.68 -15.90
CA SER B 105 -14.55 4.73 -15.03
C SER B 105 -13.99 4.92 -13.61
N CYS B 106 -14.54 4.22 -12.63
CA CYS B 106 -14.17 4.45 -11.22
C CYS B 106 -13.90 3.16 -10.48
N ALA B 107 -13.29 3.28 -9.30
CA ALA B 107 -13.02 2.16 -8.43
C ALA B 107 -14.32 1.69 -7.82
N ARG B 108 -14.28 0.48 -7.25
CA ARG B 108 -15.43 -0.08 -6.56
C ARG B 108 -15.83 0.84 -5.42
N GLY B 109 -17.12 1.05 -5.26
CA GLY B 109 -17.65 1.92 -4.23
C GLY B 109 -17.85 3.34 -4.73
N TYR B 110 -17.65 3.54 -6.03
CA TYR B 110 -17.89 4.84 -6.67
C TYR B 110 -18.78 4.63 -7.86
N THR B 111 -19.60 5.62 -8.18
CA THR B 111 -20.39 5.56 -9.40
C THR B 111 -19.97 6.71 -10.32
N LEU B 112 -19.88 6.43 -11.60
CA LEU B 112 -19.58 7.44 -12.59
C LEU B 112 -20.73 8.47 -12.64
N ALA B 113 -20.38 9.75 -12.56
CA ALA B 113 -21.35 10.83 -12.53
C ALA B 113 -22.01 10.99 -13.89
N ASP B 114 -23.12 11.74 -13.92
CA ASP B 114 -23.83 12.03 -15.18
C ASP B 114 -22.93 12.54 -16.29
N ASN B 115 -21.95 13.39 -15.95
CA ASN B 115 -21.01 13.92 -16.94
C ASN B 115 -20.00 12.91 -17.52
N GLY B 116 -20.04 11.70 -16.98
CA GLY B 116 -19.18 10.60 -17.44
C GLY B 116 -17.71 10.79 -17.15
N LYS B 117 -17.40 11.71 -16.21
CA LYS B 117 -16.00 12.00 -15.86
C LYS B 117 -15.74 11.88 -14.35
N ALA B 118 -16.63 12.43 -13.54
CA ALA B 118 -16.48 12.42 -12.07
C ALA B 118 -16.91 11.11 -11.47
N CYS B 119 -16.29 10.78 -10.33
CA CYS B 119 -16.64 9.57 -9.57
C CYS B 119 -17.28 9.94 -8.27
N ILE B 120 -18.49 9.43 -8.02
CA ILE B 120 -19.23 9.83 -6.84
C ILE B 120 -19.27 8.69 -5.84
N PRO B 121 -18.85 8.95 -4.59
CA PRO B 121 -18.88 7.88 -3.58
C PRO B 121 -20.30 7.37 -3.38
N THR B 122 -20.45 6.04 -3.38
CA THR B 122 -21.79 5.45 -3.23
C THR B 122 -22.28 5.46 -1.80
N GLY B 123 -21.38 5.62 -0.86
CA GLY B 123 -21.77 5.65 0.53
C GLY B 123 -20.67 6.19 1.39
N PRO B 124 -20.80 6.02 2.71
CA PRO B 124 -19.73 6.53 3.52
C PRO B 124 -18.50 5.62 3.37
N TYR B 125 -17.38 6.24 3.69
CA TYR B 125 -16.05 5.62 3.68
C TYR B 125 -15.60 5.01 2.36
N PRO B 126 -15.67 5.80 1.27
CA PRO B 126 -15.27 5.34 -0.04
C PRO B 126 -13.76 5.06 0.04
N CYS B 127 -13.28 4.14 -0.79
CA CYS B 127 -11.88 3.83 -0.74
C CYS B 127 -11.03 5.01 -1.19
N GLY B 128 -9.82 5.06 -0.62
CA GLY B 128 -8.85 6.03 -1.03
C GLY B 128 -9.05 7.45 -0.54
N LYS B 129 -10.00 7.67 0.36
CA LYS B 129 -10.18 9.02 0.89
C LYS B 129 -9.70 9.13 2.31
N GLN B 130 -8.88 10.15 2.58
CA GLN B 130 -8.53 10.40 3.99
C GLN B 130 -9.81 10.75 4.77
N THR B 131 -9.88 10.35 6.03
CA THR B 131 -11.05 10.56 6.90
C THR B 131 -10.73 11.78 7.76
N LEU B 132 -10.67 12.96 7.14
CA LEU B 132 -10.26 14.16 7.84
C LEU B 132 -11.46 14.91 8.44
#